data_5E0L
#
_entry.id   5E0L
#
_cell.length_a   44.695
_cell.length_b   44.695
_cell.length_c   204.096
_cell.angle_alpha   90.00
_cell.angle_beta   90.00
_cell.angle_gamma   120.00
#
_symmetry.space_group_name_H-M   'P 61 2 2'
#
loop_
_entity.id
_entity.type
_entity.pdbx_description
1 polymer 'Dynein light chain 1, cytoplasmic'
2 polymer 'Protein Chica peptide'
3 non-polymer 'SULFATE ION'
4 water water
#
loop_
_entity_poly.entity_id
_entity_poly.type
_entity_poly.pdbx_seq_one_letter_code
_entity_poly.pdbx_strand_id
1 'polypeptide(L)'
;MSDRKAVIKNADMSEEMQQDAVDCATQALEKYNIEKDIAAYIKKEFDKKYNPTWHCIVGRNFGSYVTHETRHFIYFYLGQ
VAILLFKSG
;
A
2 'polypeptide(L)' SYRKAIDAATQTEE C
#
loop_
_chem_comp.id
_chem_comp.type
_chem_comp.name
_chem_comp.formula
SO4 non-polymer 'SULFATE ION' 'O4 S -2'
#
# COMPACT_ATOMS: atom_id res chain seq x y z
N ASP A 3 3.21 -15.97 -10.67
CA ASP A 3 2.37 -15.09 -9.87
C ASP A 3 2.65 -13.63 -10.21
N ARG A 4 2.22 -12.75 -9.32
CA ARG A 4 2.29 -11.33 -9.61
C ARG A 4 3.64 -10.72 -9.25
N LYS A 5 4.04 -9.76 -10.07
CA LYS A 5 5.31 -9.10 -9.95
C LYS A 5 5.18 -7.88 -9.07
N ALA A 6 6.01 -7.79 -8.04
CA ALA A 6 6.00 -6.65 -7.14
C ALA A 6 7.05 -5.66 -7.63
N VAL A 7 6.63 -4.40 -7.76
CA VAL A 7 7.51 -3.31 -8.13
C VAL A 7 7.24 -2.14 -7.16
N ILE A 8 8.17 -1.94 -6.23
CA ILE A 8 8.03 -0.86 -5.25
C ILE A 8 8.50 0.42 -5.91
N LYS A 9 7.62 1.41 -5.94
CA LYS A 9 7.90 2.63 -6.67
C LYS A 9 8.45 3.71 -5.75
N ASN A 10 7.89 3.81 -4.56
CA ASN A 10 8.32 4.80 -3.59
CA ASN A 10 8.31 4.82 -3.60
C ASN A 10 8.03 4.28 -2.19
N ALA A 11 9.05 4.25 -1.35
CA ALA A 11 8.90 3.72 0.01
C ALA A 11 9.62 4.61 1.01
N ASP A 12 8.93 4.83 2.12
CA ASP A 12 9.52 5.38 3.33
C ASP A 12 9.11 4.43 4.42
N MET A 13 9.87 3.37 4.58
CA MET A 13 9.42 2.21 5.32
C MET A 13 10.54 1.19 5.44
N SER A 14 10.64 0.51 6.58
CA SER A 14 11.65 -0.52 6.76
C SER A 14 11.48 -1.65 5.74
N GLU A 15 12.58 -2.35 5.45
CA GLU A 15 12.57 -3.45 4.49
C GLU A 15 11.60 -4.53 4.91
N GLU A 16 11.63 -4.88 6.20
CA GLU A 16 10.70 -5.88 6.73
C GLU A 16 9.25 -5.45 6.50
N MET A 17 8.93 -4.19 6.75
CA MET A 17 7.55 -3.74 6.61
CA MET A 17 7.55 -3.77 6.63
C MET A 17 7.15 -3.69 5.14
N GLN A 18 8.08 -3.27 4.29
CA GLN A 18 7.80 -3.33 2.85
C GLN A 18 7.48 -4.77 2.44
N GLN A 19 8.25 -5.74 2.93
CA GLN A 19 7.95 -7.12 2.57
C GLN A 19 6.58 -7.54 3.11
N ASP A 20 6.22 -7.15 4.33
CA ASP A 20 4.92 -7.49 4.86
C ASP A 20 3.82 -6.84 4.01
N ALA A 21 4.04 -5.62 3.49
CA ALA A 21 3.06 -4.98 2.64
C ALA A 21 2.81 -5.79 1.37
N VAL A 22 3.88 -6.24 0.73
CA VAL A 22 3.73 -7.03 -0.48
C VAL A 22 3.01 -8.34 -0.15
N ASP A 23 3.42 -9.01 0.93
CA ASP A 23 2.75 -10.23 1.33
C ASP A 23 1.28 -10.05 1.61
N CYS A 24 0.93 -8.96 2.30
CA CYS A 24 -0.44 -8.70 2.65
CA CYS A 24 -0.48 -8.73 2.63
C CYS A 24 -1.28 -8.45 1.38
N ALA A 25 -0.70 -7.69 0.45
CA ALA A 25 -1.38 -7.39 -0.80
C ALA A 25 -1.57 -8.64 -1.65
N THR A 26 -0.59 -9.55 -1.58
CA THR A 26 -0.70 -10.80 -2.32
C THR A 26 -1.84 -11.65 -1.76
N GLN A 27 -1.95 -11.73 -0.44
CA GLN A 27 -3.10 -12.42 0.22
C GLN A 27 -4.42 -11.79 -0.19
N ALA A 28 -4.43 -10.45 -0.21
CA ALA A 28 -5.66 -9.71 -0.53
C ALA A 28 -6.13 -9.99 -1.95
N LEU A 29 -5.19 -10.01 -2.89
CA LEU A 29 -5.53 -10.29 -4.28
C LEU A 29 -5.93 -11.72 -4.52
N GLU A 30 -5.42 -12.62 -3.70
CA GLU A 30 -5.82 -14.01 -3.80
C GLU A 30 -7.27 -14.16 -3.39
N LYS A 31 -7.69 -13.41 -2.37
CA LYS A 31 -9.01 -13.53 -1.81
C LYS A 31 -10.10 -12.71 -2.50
N TYR A 32 -9.76 -11.47 -2.90
CA TYR A 32 -10.74 -10.49 -3.35
C TYR A 32 -10.46 -9.96 -4.76
N ASN A 33 -11.53 -9.62 -5.49
CA ASN A 33 -11.37 -9.02 -6.83
C ASN A 33 -11.68 -7.51 -6.90
N ILE A 34 -12.44 -7.04 -5.91
CA ILE A 34 -12.88 -5.63 -5.92
CA ILE A 34 -12.87 -5.63 -5.92
C ILE A 34 -11.87 -4.80 -5.18
N GLU A 35 -11.47 -3.69 -5.79
CA GLU A 35 -10.37 -2.88 -5.25
C GLU A 35 -10.60 -2.42 -3.81
N LYS A 36 -11.81 -1.99 -3.46
CA LYS A 36 -12.06 -1.52 -2.09
C LYS A 36 -11.93 -2.64 -1.06
N ASP A 37 -12.19 -3.87 -1.49
CA ASP A 37 -12.10 -5.02 -0.57
C ASP A 37 -10.65 -5.40 -0.40
N ILE A 38 -9.89 -5.33 -1.49
CA ILE A 38 -8.44 -5.53 -1.44
C ILE A 38 -7.83 -4.52 -0.48
N ALA A 39 -8.19 -3.24 -0.68
CA ALA A 39 -7.71 -2.19 0.18
C ALA A 39 -8.09 -2.41 1.63
N ALA A 40 -9.31 -2.85 1.88
CA ALA A 40 -9.74 -3.07 3.25
C ALA A 40 -8.93 -4.16 3.94
N TYR A 41 -8.65 -5.26 3.23
CA TYR A 41 -7.85 -6.35 3.79
C TYR A 41 -6.48 -5.86 4.19
N ILE A 42 -5.84 -5.09 3.30
CA ILE A 42 -4.49 -4.63 3.57
C ILE A 42 -4.49 -3.65 4.75
N LYS A 43 -5.43 -2.69 4.73
CA LYS A 43 -5.53 -1.71 5.81
C LYS A 43 -5.73 -2.38 7.15
N LYS A 44 -6.67 -3.30 7.21
CA LYS A 44 -6.99 -3.96 8.47
C LYS A 44 -5.84 -4.81 9.02
N GLU A 45 -5.12 -5.48 8.12
CA GLU A 45 -3.97 -6.31 8.52
C GLU A 45 -2.84 -5.42 9.04
N PHE A 46 -2.62 -4.28 8.38
CA PHE A 46 -1.57 -3.37 8.82
C PHE A 46 -1.92 -2.71 10.16
N ASP A 47 -3.20 -2.37 10.35
CA ASP A 47 -3.65 -1.90 11.67
C ASP A 47 -3.31 -2.93 12.77
N LYS A 48 -3.45 -4.21 12.47
CA LYS A 48 -3.15 -5.27 13.45
C LYS A 48 -1.67 -5.50 13.60
N LYS A 49 -0.94 -5.59 12.50
CA LYS A 49 0.51 -5.89 12.56
C LYS A 49 1.36 -4.72 13.02
N TYR A 50 0.99 -3.52 12.57
CA TYR A 50 1.86 -2.34 12.75
C TYR A 50 1.14 -1.15 13.40
N ASN A 51 0.04 -1.44 14.08
CA ASN A 51 -0.73 -0.48 14.89
C ASN A 51 -1.54 0.45 14.00
N PRO A 52 -2.69 0.92 14.49
CA PRO A 52 -3.42 1.91 13.65
C PRO A 52 -2.65 3.23 13.58
N THR A 53 -2.97 4.14 12.65
CA THR A 53 -4.08 4.06 11.73
C THR A 53 -3.57 4.13 10.30
N TRP A 54 -3.85 3.08 9.53
CA TRP A 54 -3.43 2.99 8.14
C TRP A 54 -4.57 3.30 7.19
N HIS A 55 -4.21 3.68 5.97
CA HIS A 55 -5.16 3.97 4.91
C HIS A 55 -4.60 3.31 3.66
N CYS A 56 -5.47 2.75 2.81
CA CYS A 56 -5.00 2.03 1.65
C CYS A 56 -5.89 2.39 0.44
N ILE A 57 -5.22 2.64 -0.68
CA ILE A 57 -5.85 2.86 -1.98
C ILE A 57 -5.30 1.83 -2.94
N VAL A 58 -6.19 1.21 -3.72
CA VAL A 58 -5.82 0.18 -4.68
C VAL A 58 -6.49 0.51 -6.00
N GLY A 59 -5.71 0.58 -7.07
CA GLY A 59 -6.30 0.92 -8.35
C GLY A 59 -5.37 0.97 -9.54
N ARG A 60 -5.95 1.12 -10.72
CA ARG A 60 -5.19 1.16 -11.95
C ARG A 60 -5.03 2.61 -12.48
N ASN A 61 -5.88 3.53 -12.02
N ASN A 61 -5.88 3.53 -12.04
CA ASN A 61 -5.76 4.93 -12.46
C ASN A 61 -6.13 5.86 -11.33
N PHE A 62 -5.09 6.43 -10.72
CA PHE A 62 -5.26 7.45 -9.70
C PHE A 62 -3.96 8.16 -9.42
N GLY A 63 -4.12 9.41 -8.95
CA GLY A 63 -3.02 10.14 -8.37
C GLY A 63 -3.38 10.53 -6.95
N SER A 64 -2.38 10.82 -6.12
CA SER A 64 -2.63 11.11 -4.73
C SER A 64 -1.66 12.18 -4.25
N TYR A 65 -2.11 12.86 -3.21
CA TYR A 65 -1.25 13.76 -2.48
C TYR A 65 -1.68 13.61 -1.03
N VAL A 66 -0.79 13.06 -0.21
CA VAL A 66 -1.09 12.72 1.18
C VAL A 66 0.04 13.16 2.05
N THR A 67 -0.22 13.13 3.35
CA THR A 67 0.79 13.52 4.33
C THR A 67 0.95 12.35 5.28
N HIS A 68 2.13 11.76 5.32
CA HIS A 68 2.28 10.50 6.09
C HIS A 68 3.31 10.64 7.19
N GLU A 69 3.14 9.79 8.20
CA GLU A 69 4.11 9.64 9.26
C GLU A 69 5.42 9.14 8.65
N THR A 70 6.55 9.68 9.11
CA THR A 70 7.85 9.22 8.63
C THR A 70 7.97 7.72 8.86
N ARG A 71 8.55 7.05 7.85
CA ARG A 71 8.79 5.61 7.88
C ARG A 71 7.51 4.76 7.79
N HIS A 72 6.39 5.37 7.40
CA HIS A 72 5.12 4.66 7.27
C HIS A 72 4.42 4.97 5.96
N PHE A 73 5.10 4.71 4.85
CA PHE A 73 4.54 4.99 3.54
C PHE A 73 5.13 3.99 2.53
N ILE A 74 4.27 3.42 1.70
CA ILE A 74 4.73 2.66 0.56
C ILE A 74 3.75 2.85 -0.58
N TYR A 75 4.30 2.89 -1.77
CA TYR A 75 3.52 2.94 -3.00
C TYR A 75 4.17 1.92 -3.94
N PHE A 76 3.39 0.93 -4.37
CA PHE A 76 3.95 -0.18 -5.15
C PHE A 76 2.90 -0.79 -6.06
N TYR A 77 3.38 -1.47 -7.11
CA TYR A 77 2.53 -2.29 -7.95
C TYR A 77 2.65 -3.73 -7.59
N LEU A 78 1.52 -4.42 -7.62
CA LEU A 78 1.56 -5.88 -7.58
CA LEU A 78 1.54 -5.89 -7.59
C LEU A 78 0.81 -6.30 -8.82
N GLY A 79 1.53 -6.86 -9.79
CA GLY A 79 0.93 -7.04 -11.10
C GLY A 79 0.54 -5.68 -11.66
N GLN A 80 -0.68 -5.61 -12.15
CA GLN A 80 -1.12 -4.39 -12.83
C GLN A 80 -1.82 -3.40 -11.92
N VAL A 81 -1.94 -3.70 -10.63
CA VAL A 81 -2.68 -2.83 -9.73
C VAL A 81 -1.68 -2.07 -8.83
N ALA A 82 -1.92 -0.79 -8.66
CA ALA A 82 -1.13 0.05 -7.79
C ALA A 82 -1.75 0.12 -6.41
N ILE A 83 -0.87 0.14 -5.41
CA ILE A 83 -1.27 0.12 -4.02
C ILE A 83 -0.52 1.23 -3.26
N LEU A 84 -1.29 2.11 -2.63
CA LEU A 84 -0.78 3.13 -1.73
C LEU A 84 -1.21 2.77 -0.32
N LEU A 85 -0.24 2.70 0.62
CA LEU A 85 -0.50 2.30 1.98
C LEU A 85 0.30 3.20 2.89
N PHE A 86 -0.36 3.87 3.84
CA PHE A 86 0.37 4.81 4.72
C PHE A 86 -0.35 5.09 6.01
N LYS A 87 0.38 5.60 7.01
CA LYS A 87 -0.22 6.17 8.24
C LYS A 87 -0.19 7.67 8.13
N SER A 88 -1.21 8.38 8.62
CA SER A 88 -1.24 9.85 8.44
C SER A 88 -0.29 10.55 9.38
N GLY A 89 0.13 11.75 8.97
CA GLY A 89 0.91 12.63 9.82
C GLY A 89 -0.02 13.64 10.48
N LYS B 4 6.80 13.27 13.14
CA LYS B 4 7.25 13.96 11.93
C LYS B 4 6.42 13.49 10.74
N ALA B 5 6.03 14.44 9.89
CA ALA B 5 5.15 14.15 8.75
C ALA B 5 5.72 14.67 7.44
N ILE B 6 5.51 13.91 6.38
CA ILE B 6 6.05 14.19 5.06
C ILE B 6 4.92 14.13 4.05
N ASP B 7 4.87 15.10 3.14
CA ASP B 7 3.96 15.03 2.00
C ASP B 7 4.54 14.07 0.94
N ALA B 8 3.68 13.31 0.29
CA ALA B 8 4.07 12.43 -0.80
C ALA B 8 2.97 12.46 -1.87
N ALA B 9 3.40 12.40 -3.13
CA ALA B 9 2.53 12.32 -4.29
C ALA B 9 2.80 11.03 -5.03
N THR B 10 1.73 10.46 -5.55
CA THR B 10 1.85 9.27 -6.40
C THR B 10 0.99 9.44 -7.64
N GLN B 11 1.42 8.82 -8.72
CA GLN B 11 0.62 8.85 -9.96
C GLN B 11 0.80 7.49 -10.66
N THR B 12 -0.32 6.82 -10.97
CA THR B 12 -0.27 5.57 -11.74
C THR B 12 0.27 5.77 -13.12
N GLU B 13 0.83 4.71 -13.67
CA GLU B 13 1.37 4.71 -14.99
C GLU B 13 0.24 4.74 -15.99
N GLU B 14 -0.85 4.08 -15.71
CA GLU B 14 -2.02 4.12 -16.56
C GLU B 14 -3.14 4.98 -15.93
S SO4 C . -8.71 -6.66 -9.82
O1 SO4 C . -7.43 -6.25 -10.40
O2 SO4 C . -9.17 -5.64 -8.89
O3 SO4 C . -8.53 -7.93 -9.12
O4 SO4 C . -9.69 -6.82 -10.89
#